data_5JDH
#
_entry.id   5JDH
#
_cell.length_a   49.883
_cell.length_b   72.218
_cell.length_c   96.099
_cell.angle_alpha   90.000
_cell.angle_beta   90.000
_cell.angle_gamma   90.000
#
_symmetry.space_group_name_H-M   'P 21 21 21'
#
loop_
_entity.id
_entity.type
_entity.pdbx_description
1 polymer 'Uncharacterized membrane protein MJ0091'
2 non-polymer 'CHLORIDE ION'
3 non-polymer 'SODIUM ION'
4 non-polymer 'CALCIUM ION'
5 non-polymer PENTADECANE
6 non-polymer 'PENTAETHYLENE GLYCOL'
7 non-polymer 3,6,9,12,15,18,21-HEPTAOXATRICOSANE-1,23-DIOL
8 non-polymer DI(HYDROXYETHYL)ETHER
9 non-polymer '(2R)-2,3-dihydroxypropyl (9Z)-octadec-9-enoate'
10 water water
#
_entity_poly.entity_id   1
_entity_poly.type   'polypeptide(L)'
_entity_poly.pdbx_seq_one_letter_code
;MVILGVGYFLLGLILLYYGSDWFVLGSERIARHFNVSNFVIGATVMAIGTSLPEILTSAYASYMHAPGISIGNAIGSCIC
NIGLVLGLSAIISPIIVDKNLQKNILVYLLFVIFAAVIGIDGFSWIDGVVLLILFIIYLRWTVKNGSAEIEENNDKNNPS
VVFSLVLLIIGLIGVLVGAELFVDGAKKIALALDISDKVIGFTLVAFGTSLPELMVSLAAAKRNLGGMVLGNVIGSNIAD
IGGALAVGSLFMHLPAENVQMAVLVIMSLLLYLFAKYSKIGRWQGILFLALYIIAIASLRM
;
_entity_poly.pdbx_strand_id   A
#
loop_
_chem_comp.id
_chem_comp.type
_chem_comp.name
_chem_comp.formula
1PE non-polymer 'PENTAETHYLENE GLYCOL' 'C10 H22 O6'
CA non-polymer 'CALCIUM ION' 'Ca 2'
CL non-polymer 'CHLORIDE ION' 'Cl -1'
MYS non-polymer PENTADECANE 'C15 H32'
NA non-polymer 'SODIUM ION' 'Na 1'
OLC non-polymer '(2R)-2,3-dihydroxypropyl (9Z)-octadec-9-enoate' 'C21 H40 O4'
PE8 non-polymer 3,6,9,12,15,18,21-HEPTAOXATRICOSANE-1,23-DIOL 'C16 H34 O9'
PEG non-polymer DI(HYDROXYETHYL)ETHER 'C4 H10 O3'
#
# COMPACT_ATOMS: atom_id res chain seq x y z
N MET A 1 -25.15 4.43 20.94
CA MET A 1 -24.04 4.81 20.06
C MET A 1 -23.43 3.59 19.39
N VAL A 2 -24.14 2.48 19.44
CA VAL A 2 -23.72 1.26 18.75
C VAL A 2 -24.31 1.25 17.35
N ILE A 3 -25.46 1.91 17.19
CA ILE A 3 -26.14 1.98 15.90
C ILE A 3 -25.38 2.91 14.95
N LEU A 4 -24.79 3.97 15.49
CA LEU A 4 -24.02 4.89 14.67
C LEU A 4 -22.68 4.27 14.30
N GLY A 5 -22.23 3.32 15.13
CA GLY A 5 -21.02 2.56 14.84
C GLY A 5 -21.27 1.63 13.67
N VAL A 6 -22.42 0.99 13.66
CA VAL A 6 -22.83 0.14 12.56
C VAL A 6 -23.06 1.00 11.32
N GLY A 7 -23.58 2.20 11.54
CA GLY A 7 -23.80 3.15 10.47
C GLY A 7 -22.51 3.53 9.77
N TYR A 8 -21.52 3.93 10.56
CA TYR A 8 -20.20 4.27 10.03
C TYR A 8 -19.56 3.07 9.32
N PHE A 9 -19.73 1.90 9.91
CA PHE A 9 -19.12 0.67 9.40
C PHE A 9 -19.61 0.32 8.00
N LEU A 10 -20.93 0.30 7.82
CA LEU A 10 -21.50 -0.07 6.53
C LEU A 10 -21.30 1.02 5.49
N LEU A 11 -21.38 2.27 5.90
CA LEU A 11 -21.17 3.39 4.99
C LEU A 11 -19.72 3.43 4.52
N GLY A 12 -18.81 3.06 5.41
CA GLY A 12 -17.40 2.99 5.07
C GLY A 12 -17.18 1.94 4.00
N LEU A 13 -17.87 0.81 4.14
CA LEU A 13 -17.79 -0.26 3.16
C LEU A 13 -18.32 0.17 1.80
N ILE A 14 -19.39 0.96 1.81
CA ILE A 14 -19.98 1.47 0.57
C ILE A 14 -19.03 2.43 -0.13
N LEU A 15 -18.43 3.33 0.65
CA LEU A 15 -17.50 4.30 0.11
C LEU A 15 -16.23 3.63 -0.42
N LEU A 16 -15.77 2.59 0.28
CA LEU A 16 -14.60 1.84 -0.16
C LEU A 16 -14.88 1.12 -1.48
N TYR A 17 -16.03 0.47 -1.56
CA TYR A 17 -16.39 -0.32 -2.73
C TYR A 17 -16.51 0.54 -4.01
N TYR A 18 -17.29 1.60 -3.93
CA TYR A 18 -17.51 2.45 -5.11
C TYR A 18 -16.36 3.42 -5.32
N GLY A 19 -15.79 3.91 -4.23
CA GLY A 19 -14.65 4.80 -4.30
C GLY A 19 -13.43 4.16 -4.96
N SER A 20 -13.19 2.88 -4.67
CA SER A 20 -12.02 2.20 -5.23
C SER A 20 -12.19 2.01 -6.72
N ASP A 21 -13.41 1.71 -7.16
CA ASP A 21 -13.66 1.56 -8.60
C ASP A 21 -13.47 2.89 -9.33
N TRP A 22 -13.96 3.98 -8.74
CA TRP A 22 -13.80 5.31 -9.33
CA TRP A 22 -13.80 5.30 -9.34
C TRP A 22 -12.33 5.70 -9.41
N PHE A 23 -11.59 5.40 -8.34
CA PHE A 23 -10.18 5.71 -8.27
C PHE A 23 -9.43 4.94 -9.35
N VAL A 24 -9.75 3.66 -9.50
CA VAL A 24 -9.15 2.83 -10.53
C VAL A 24 -9.47 3.34 -11.92
N LEU A 25 -10.75 3.63 -12.16
CA LEU A 25 -11.19 4.10 -13.47
C LEU A 25 -10.56 5.44 -13.82
N GLY A 26 -10.55 6.36 -12.85
CA GLY A 26 -9.94 7.66 -13.04
C GLY A 26 -8.44 7.58 -13.30
N SER A 27 -7.78 6.68 -12.58
CA SER A 27 -6.33 6.49 -12.73
C SER A 27 -5.98 5.86 -14.07
N GLU A 28 -6.82 4.96 -14.54
CA GLU A 28 -6.60 4.29 -15.83
C GLU A 28 -6.71 5.29 -16.97
N ARG A 29 -7.68 6.20 -16.85
CA ARG A 29 -7.87 7.26 -17.84
C ARG A 29 -6.71 8.26 -17.82
N ILE A 30 -6.25 8.61 -16.63
CA ILE A 30 -5.13 9.55 -16.47
C ILE A 30 -3.85 8.96 -17.06
N ALA A 31 -3.67 7.66 -16.90
CA ALA A 31 -2.54 6.96 -17.49
C ALA A 31 -2.53 7.12 -19.00
N ARG A 32 -3.68 6.91 -19.63
CA ARG A 32 -3.80 7.05 -21.08
C ARG A 32 -3.65 8.51 -21.51
N HIS A 33 -4.05 9.43 -20.63
CA HIS A 33 -3.87 10.85 -20.90
C HIS A 33 -2.41 11.24 -20.96
N PHE A 34 -1.63 10.82 -19.96
CA PHE A 34 -0.23 11.20 -19.87
C PHE A 34 0.67 10.25 -20.64
N ASN A 35 0.05 9.29 -21.33
CA ASN A 35 0.76 8.29 -22.13
C ASN A 35 1.74 7.48 -21.29
N VAL A 36 1.31 7.05 -20.12
CA VAL A 36 2.13 6.19 -19.27
C VAL A 36 1.41 4.88 -18.99
N SER A 37 2.18 3.86 -18.63
CA SER A 37 1.62 2.54 -18.36
C SER A 37 0.77 2.56 -17.09
N ASN A 38 -0.10 1.57 -16.96
CA ASN A 38 -0.91 1.43 -15.76
C ASN A 38 -0.05 1.16 -14.54
N PHE A 39 1.04 0.42 -14.73
CA PHE A 39 1.99 0.16 -13.65
C PHE A 39 2.49 1.48 -13.07
N VAL A 40 2.90 2.39 -13.96
CA VAL A 40 3.45 3.67 -13.55
C VAL A 40 2.46 4.50 -12.73
N ILE A 41 1.22 4.60 -13.20
CA ILE A 41 0.23 5.38 -12.49
C ILE A 41 -0.12 4.70 -11.17
N GLY A 42 -0.08 3.37 -11.15
CA GLY A 42 -0.32 2.62 -9.93
C GLY A 42 0.80 2.82 -8.90
N ALA A 43 2.04 2.87 -9.38
CA ALA A 43 3.21 2.94 -8.52
C ALA A 43 3.49 4.37 -8.03
N THR A 44 2.87 5.34 -8.67
CA THR A 44 3.09 6.73 -8.30
C THR A 44 1.85 7.32 -7.64
N VAL A 45 0.94 7.84 -8.46
CA VAL A 45 -0.24 8.54 -7.98
C VAL A 45 -1.09 7.70 -7.03
N MET A 46 -1.39 6.47 -7.45
CA MET A 46 -2.26 5.60 -6.66
C MET A 46 -1.61 5.16 -5.37
N ALA A 47 -0.33 4.77 -5.45
CA ALA A 47 0.39 4.28 -4.27
C ALA A 47 0.55 5.37 -3.21
N ILE A 48 0.95 6.55 -3.64
CA ILE A 48 1.13 7.66 -2.71
C ILE A 48 -0.21 8.03 -2.06
N GLY A 49 -1.25 8.12 -2.89
CA GLY A 49 -2.59 8.41 -2.41
C GLY A 49 -3.09 7.44 -1.34
N THR A 50 -2.84 6.15 -1.54
CA THR A 50 -3.34 5.14 -0.61
C THR A 50 -2.41 4.94 0.58
N SER A 51 -1.18 5.43 0.48
CA SER A 51 -0.22 5.32 1.58
C SER A 51 -0.24 6.56 2.48
N LEU A 52 -1.10 7.52 2.15
CA LEU A 52 -1.30 8.68 3.02
C LEU A 52 -1.70 8.31 4.46
N PRO A 53 -2.58 7.30 4.64
CA PRO A 53 -2.82 6.85 6.02
C PRO A 53 -1.56 6.40 6.76
N GLU A 54 -0.73 5.58 6.12
CA GLU A 54 0.50 5.10 6.76
C GLU A 54 1.42 6.25 7.17
N ILE A 55 1.64 7.18 6.24
CA ILE A 55 2.54 8.31 6.48
C ILE A 55 2.08 9.13 7.68
N LEU A 56 0.79 9.48 7.70
CA LEU A 56 0.23 10.23 8.81
C LEU A 56 0.30 9.45 10.11
N THR A 57 -0.04 8.17 10.04
CA THR A 57 -0.04 7.31 11.23
C THR A 57 1.36 7.18 11.83
N SER A 58 2.34 6.87 10.98
CA SER A 58 3.71 6.68 11.42
CA SER A 58 3.71 6.67 11.43
C SER A 58 4.29 7.95 12.03
N ALA A 59 4.02 9.08 11.37
CA ALA A 59 4.52 10.37 11.83
C ALA A 59 3.91 10.73 13.19
N TYR A 60 2.60 10.51 13.31
CA TYR A 60 1.88 10.81 14.54
C TYR A 60 2.36 9.93 15.69
N ALA A 61 2.45 8.63 15.45
CA ALA A 61 2.85 7.67 16.46
C ALA A 61 4.26 7.95 17.00
N SER A 62 5.20 8.21 16.10
CA SER A 62 6.57 8.47 16.51
C SER A 62 6.67 9.79 17.26
N TYR A 63 5.85 10.76 16.84
CA TYR A 63 5.76 12.04 17.53
C TYR A 63 5.24 11.85 18.95
N MET A 64 4.29 10.92 19.10
CA MET A 64 3.71 10.63 20.41
C MET A 64 4.53 9.60 21.17
N HIS A 65 5.80 9.48 20.80
CA HIS A 65 6.75 8.60 21.49
C HIS A 65 6.33 7.13 21.46
N ALA A 66 5.78 6.70 20.33
CA ALA A 66 5.50 5.29 20.11
C ALA A 66 6.10 4.82 18.78
N PRO A 67 7.43 4.79 18.70
CA PRO A 67 8.10 4.48 17.43
C PRO A 67 7.92 3.03 16.98
N GLY A 68 7.52 2.16 17.90
CA GLY A 68 7.26 0.77 17.56
C GLY A 68 6.04 0.65 16.67
N ILE A 69 5.02 1.43 16.98
CA ILE A 69 3.81 1.49 16.16
C ILE A 69 4.13 2.04 14.77
N SER A 70 5.03 3.02 14.73
CA SER A 70 5.42 3.66 13.49
CA SER A 70 5.42 3.65 13.48
C SER A 70 6.04 2.67 12.50
N ILE A 71 7.07 1.95 12.94
CA ILE A 71 7.74 0.98 12.09
C ILE A 71 6.86 -0.25 11.99
N GLY A 72 6.10 -0.53 13.05
CA GLY A 72 5.19 -1.64 13.07
C GLY A 72 4.13 -1.59 11.99
N ASN A 73 3.50 -0.45 11.78
CA ASN A 73 2.48 -0.28 10.76
C ASN A 73 3.14 -0.64 9.48
N ALA A 74 4.22 0.11 9.27
CA ALA A 74 4.83 0.28 7.96
C ALA A 74 5.30 -1.01 7.35
N ILE A 75 6.04 -1.78 8.13
CA ILE A 75 6.50 -3.09 7.68
C ILE A 75 5.31 -4.05 7.61
N GLY A 76 4.35 -3.89 8.53
CA GLY A 76 3.16 -4.70 8.51
C GLY A 76 2.35 -4.48 7.24
N SER A 77 2.26 -3.23 6.82
CA SER A 77 1.58 -2.88 5.59
C SER A 77 2.24 -3.54 4.39
N CYS A 78 3.57 -3.52 4.34
CA CYS A 78 4.31 -4.09 3.21
C CYS A 78 4.04 -5.59 3.10
N ILE A 79 3.98 -6.25 4.23
CA ILE A 79 3.73 -7.69 4.26
C ILE A 79 2.29 -7.96 3.81
N CYS A 80 1.38 -7.11 4.26
CA CYS A 80 -0.02 -7.20 3.86
C CYS A 80 -0.21 -6.95 2.36
N ASN A 81 0.57 -6.01 1.80
CA ASN A 81 0.44 -5.67 0.39
C ASN A 81 0.85 -6.82 -0.52
N ILE A 82 1.92 -7.52 -0.16
CA ILE A 82 2.36 -8.66 -0.96
C ILE A 82 1.57 -9.92 -0.63
N GLY A 83 1.43 -10.21 0.65
CA GLY A 83 0.75 -11.42 1.09
C GLY A 83 -0.74 -11.42 0.80
N LEU A 84 -1.47 -10.48 1.40
CA LEU A 84 -2.91 -10.45 1.27
C LEU A 84 -3.36 -9.78 -0.04
N VAL A 85 -2.92 -8.54 -0.24
CA VAL A 85 -3.41 -7.73 -1.35
C VAL A 85 -3.02 -8.29 -2.72
N LEU A 86 -1.73 -8.53 -2.93
CA LEU A 86 -1.28 -9.11 -4.19
C LEU A 86 -1.75 -10.57 -4.30
N GLY A 87 -1.81 -11.27 -3.18
CA GLY A 87 -2.23 -12.66 -3.17
C GLY A 87 -3.63 -12.83 -3.74
N LEU A 88 -4.58 -12.05 -3.22
CA LEU A 88 -5.95 -12.09 -3.71
C LEU A 88 -6.01 -11.64 -5.17
N SER A 89 -5.25 -10.61 -5.51
CA SER A 89 -5.33 -10.01 -6.83
C SER A 89 -4.75 -10.93 -7.92
N ALA A 90 -3.71 -11.68 -7.57
CA ALA A 90 -3.08 -12.61 -8.48
C ALA A 90 -4.02 -13.76 -8.86
N ILE A 91 -4.85 -14.17 -7.90
CA ILE A 91 -5.78 -15.26 -8.14
C ILE A 91 -6.90 -14.77 -9.05
N ILE A 92 -7.38 -13.57 -8.77
CA ILE A 92 -8.44 -12.96 -9.57
C ILE A 92 -7.99 -12.69 -11.01
N SER A 93 -6.80 -12.13 -11.18
CA SER A 93 -6.31 -11.80 -12.52
C SER A 93 -4.81 -12.04 -12.64
N PRO A 94 -4.42 -13.26 -13.07
CA PRO A 94 -3.02 -13.67 -13.21
C PRO A 94 -2.23 -12.70 -14.09
N ILE A 95 -0.99 -12.44 -13.71
CA ILE A 95 -0.16 -11.45 -14.38
C ILE A 95 1.13 -12.04 -14.91
N ILE A 96 1.40 -11.81 -16.19
CA ILE A 96 2.72 -12.08 -16.74
C ILE A 96 3.45 -10.76 -16.92
N VAL A 97 4.56 -10.61 -16.21
CA VAL A 97 5.29 -9.35 -16.14
C VAL A 97 6.23 -9.16 -17.33
N ASP A 98 6.09 -8.03 -18.02
CA ASP A 98 6.99 -7.70 -19.12
C ASP A 98 8.38 -7.38 -18.59
N LYS A 99 9.38 -7.42 -19.47
CA LYS A 99 10.79 -7.36 -19.08
C LYS A 99 11.19 -6.09 -18.33
N ASN A 100 10.71 -4.95 -18.77
CA ASN A 100 11.13 -3.69 -18.14
C ASN A 100 10.37 -3.41 -16.85
N LEU A 101 9.25 -4.10 -16.65
CA LEU A 101 8.55 -4.03 -15.37
C LEU A 101 9.25 -4.93 -14.36
N GLN A 102 9.86 -6.01 -14.87
CA GLN A 102 10.69 -6.89 -14.04
C GLN A 102 11.86 -6.12 -13.46
N LYS A 103 12.36 -5.17 -14.26
CA LYS A 103 13.44 -4.27 -13.87
C LYS A 103 13.04 -3.41 -12.68
N ASN A 104 11.82 -2.88 -12.73
CA ASN A 104 11.31 -2.05 -11.63
C ASN A 104 11.16 -2.85 -10.34
N ILE A 105 10.70 -4.10 -10.49
CA ILE A 105 10.53 -4.98 -9.34
C ILE A 105 11.88 -5.33 -8.72
N LEU A 106 12.90 -5.49 -9.57
CA LEU A 106 14.24 -5.78 -9.09
C LEU A 106 14.79 -4.61 -8.27
N VAL A 107 14.58 -3.40 -8.77
CA VAL A 107 14.99 -2.19 -8.05
C VAL A 107 14.27 -2.11 -6.71
N TYR A 108 13.00 -2.49 -6.71
CA TYR A 108 12.22 -2.56 -5.48
C TYR A 108 12.87 -3.51 -4.49
N LEU A 109 13.23 -4.70 -4.96
CA LEU A 109 13.89 -5.70 -4.12
C LEU A 109 15.18 -5.16 -3.51
N LEU A 110 16.01 -4.51 -4.32
CA LEU A 110 17.26 -3.91 -3.84
C LEU A 110 16.98 -2.87 -2.76
N PHE A 111 15.93 -2.08 -2.97
CA PHE A 111 15.52 -1.06 -2.02
C PHE A 111 15.15 -1.69 -0.67
N VAL A 112 14.34 -2.74 -0.70
CA VAL A 112 13.92 -3.44 0.52
C VAL A 112 15.10 -4.06 1.26
N ILE A 113 16.02 -4.67 0.52
CA ILE A 113 17.20 -5.26 1.11
C ILE A 113 18.07 -4.19 1.78
N PHE A 114 18.27 -3.08 1.07
CA PHE A 114 19.02 -1.95 1.62
C PHE A 114 18.37 -1.43 2.90
N ALA A 115 17.05 -1.30 2.88
CA ALA A 115 16.31 -0.83 4.05
C ALA A 115 16.46 -1.81 5.21
N ALA A 116 16.43 -3.10 4.89
CA ALA A 116 16.54 -4.13 5.92
C ALA A 116 17.91 -4.09 6.59
N VAL A 117 18.95 -3.96 5.78
CA VAL A 117 20.32 -3.97 6.29
C VAL A 117 20.58 -2.78 7.22
N ILE A 118 20.20 -1.58 6.79
CA ILE A 118 20.45 -0.39 7.60
C ILE A 118 19.50 -0.33 8.80
N GLY A 119 18.49 -1.19 8.80
CA GLY A 119 17.54 -1.22 9.90
C GLY A 119 17.86 -2.28 10.95
N ILE A 120 18.96 -3.00 10.75
CA ILE A 120 19.38 -4.04 11.68
C ILE A 120 19.58 -3.48 13.09
N ASP A 121 20.15 -2.27 13.16
CA ASP A 121 20.32 -1.58 14.43
C ASP A 121 19.25 -0.52 14.62
N GLY A 122 18.12 -0.70 13.95
CA GLY A 122 17.03 0.26 14.01
C GLY A 122 17.15 1.33 12.93
N PHE A 123 16.22 2.27 12.91
CA PHE A 123 16.21 3.32 11.90
C PHE A 123 16.36 4.70 12.53
N SER A 124 17.50 5.34 12.27
CA SER A 124 17.76 6.69 12.75
C SER A 124 17.19 7.71 11.78
N TRP A 125 17.16 8.97 12.19
CA TRP A 125 16.63 10.02 11.35
C TRP A 125 17.45 10.16 10.06
N ILE A 126 18.74 9.82 10.14
CA ILE A 126 19.59 9.78 8.96
C ILE A 126 19.16 8.66 8.01
N ASP A 127 18.80 7.52 8.57
CA ASP A 127 18.28 6.42 7.77
C ASP A 127 17.03 6.87 7.01
N GLY A 128 16.17 7.61 7.69
CA GLY A 128 14.95 8.12 7.08
C GLY A 128 15.23 9.06 5.92
N VAL A 129 16.19 9.96 6.11
CA VAL A 129 16.56 10.92 5.08
C VAL A 129 17.00 10.21 3.82
N VAL A 130 17.87 9.22 3.97
CA VAL A 130 18.34 8.41 2.85
C VAL A 130 17.21 7.68 2.13
N LEU A 131 16.37 6.99 2.90
CA LEU A 131 15.23 6.26 2.36
C LEU A 131 14.29 7.17 1.58
N LEU A 132 14.07 8.37 2.11
CA LEU A 132 13.18 9.34 1.48
C LEU A 132 13.74 9.82 0.15
N ILE A 133 15.05 9.99 0.10
CA ILE A 133 15.71 10.40 -1.14
C ILE A 133 15.61 9.30 -2.18
N LEU A 134 15.87 8.07 -1.78
CA LEU A 134 15.73 6.90 -2.66
C LEU A 134 14.29 6.76 -3.14
N PHE A 135 13.35 7.02 -2.24
CA PHE A 135 11.92 7.04 -2.58
C PHE A 135 11.67 8.02 -3.72
N ILE A 136 12.18 9.25 -3.57
CA ILE A 136 12.04 10.28 -4.60
C ILE A 136 12.70 9.84 -5.91
N ILE A 137 13.91 9.31 -5.81
CA ILE A 137 14.63 8.84 -6.99
C ILE A 137 13.84 7.72 -7.69
N TYR A 138 13.29 6.80 -6.91
CA TYR A 138 12.50 5.72 -7.48
C TYR A 138 11.31 6.23 -8.29
N LEU A 139 10.63 7.25 -7.76
CA LEU A 139 9.46 7.82 -8.41
C LEU A 139 9.81 8.44 -9.76
N ARG A 140 10.87 9.23 -9.79
CA ARG A 140 11.30 9.89 -11.04
C ARG A 140 11.80 8.89 -12.07
N TRP A 141 12.58 7.92 -11.59
CA TRP A 141 13.09 6.84 -12.44
CA TRP A 141 13.09 6.86 -12.46
C TRP A 141 11.94 6.04 -13.05
N THR A 142 10.93 5.76 -12.23
CA THR A 142 9.78 4.97 -12.67
C THR A 142 8.96 5.71 -13.73
N VAL A 143 8.65 6.97 -13.47
CA VAL A 143 7.84 7.78 -14.37
C VAL A 143 8.49 7.91 -15.75
N LYS A 144 9.78 8.24 -15.76
CA LYS A 144 10.50 8.47 -17.01
C LYS A 144 10.59 7.21 -17.88
N ASN A 145 10.91 6.08 -17.27
CA ASN A 145 11.02 4.82 -18.00
C ASN A 145 9.68 4.33 -18.52
N GLY A 146 8.59 4.79 -17.92
CA GLY A 146 7.26 4.39 -18.33
C GLY A 146 6.52 5.51 -19.03
N SER A 147 7.25 6.56 -19.41
CA SER A 147 6.64 7.71 -20.07
C SER A 147 6.87 7.67 -21.58
N ALA A 148 5.84 8.08 -22.32
CA ALA A 148 5.94 8.20 -23.76
C ALA A 148 5.92 9.67 -24.17
N GLU A 149 7.10 10.27 -24.27
CA GLU A 149 7.24 11.68 -24.63
C GLU A 149 6.51 11.99 -25.93
N ILE A 150 5.59 12.94 -25.88
CA ILE A 150 4.75 13.24 -27.03
C ILE A 150 4.33 14.72 -27.05
N GLU A 151 3.88 15.23 -25.91
CA GLU A 151 3.45 16.63 -25.82
C GLU A 151 3.41 17.11 -24.36
N LYS A 156 -6.90 23.22 -24.28
CA LYS A 156 -8.00 23.73 -23.48
C LYS A 156 -8.08 22.99 -22.15
N ASN A 157 -9.31 22.85 -21.65
CA ASN A 157 -9.61 21.95 -20.55
C ASN A 157 -10.56 20.86 -21.04
N ASN A 158 -10.00 19.94 -21.82
CA ASN A 158 -10.78 18.83 -22.38
CA ASN A 158 -10.75 18.82 -22.38
C ASN A 158 -11.60 18.11 -21.32
N PRO A 159 -12.89 17.89 -21.62
CA PRO A 159 -13.83 17.21 -20.72
C PRO A 159 -13.38 15.80 -20.34
N SER A 160 -12.61 15.14 -21.21
CA SER A 160 -12.12 13.80 -20.91
C SER A 160 -11.08 13.82 -19.79
N VAL A 161 -10.25 14.85 -19.78
CA VAL A 161 -9.23 14.99 -18.75
C VAL A 161 -9.85 15.42 -17.42
N VAL A 162 -10.71 16.43 -17.47
CA VAL A 162 -11.40 16.93 -16.28
C VAL A 162 -12.16 15.82 -15.57
N PHE A 163 -13.03 15.13 -16.31
CA PHE A 163 -13.81 14.03 -15.77
C PHE A 163 -12.90 12.93 -15.24
N SER A 164 -11.74 12.74 -15.87
CA SER A 164 -10.76 11.76 -15.41
C SER A 164 -10.22 12.15 -14.03
N LEU A 165 -9.84 13.41 -13.88
CA LEU A 165 -9.31 13.90 -12.62
C LEU A 165 -10.37 13.90 -11.53
N VAL A 166 -11.60 14.15 -11.91
CA VAL A 166 -12.70 14.15 -10.95
C VAL A 166 -12.94 12.74 -10.42
N LEU A 167 -12.98 11.75 -11.32
CA LEU A 167 -13.12 10.36 -10.91
C LEU A 167 -12.02 9.93 -9.95
N LEU A 168 -10.79 10.30 -10.29
CA LEU A 168 -9.62 9.95 -9.48
C LEU A 168 -9.70 10.56 -8.09
N ILE A 169 -9.86 11.88 -8.05
CA ILE A 169 -9.88 12.60 -6.78
C ILE A 169 -11.04 12.19 -5.89
N ILE A 170 -12.25 12.14 -6.46
CA ILE A 170 -13.43 11.75 -5.69
C ILE A 170 -13.32 10.29 -5.25
N GLY A 171 -12.77 9.46 -6.12
CA GLY A 171 -12.53 8.06 -5.81
C GLY A 171 -11.54 7.93 -4.66
N LEU A 172 -10.48 8.73 -4.70
CA LEU A 172 -9.48 8.72 -3.63
C LEU A 172 -10.09 9.17 -2.31
N ILE A 173 -10.90 10.23 -2.34
CA ILE A 173 -11.58 10.70 -1.15
C ILE A 173 -12.53 9.62 -0.62
N GLY A 174 -13.17 8.90 -1.53
CA GLY A 174 -14.07 7.82 -1.17
C GLY A 174 -13.41 6.68 -0.41
N VAL A 175 -12.19 6.30 -0.81
CA VAL A 175 -11.52 5.17 -0.16
C VAL A 175 -10.86 5.59 1.15
N LEU A 176 -10.40 6.83 1.23
CA LEU A 176 -9.76 7.33 2.44
C LEU A 176 -10.80 7.60 3.52
N VAL A 177 -11.87 8.29 3.16
CA VAL A 177 -12.96 8.54 4.11
C VAL A 177 -13.62 7.22 4.49
N GLY A 178 -13.85 6.37 3.49
CA GLY A 178 -14.43 5.07 3.72
C GLY A 178 -13.62 4.21 4.68
N ALA A 179 -12.30 4.29 4.57
CA ALA A 179 -11.42 3.52 5.45
C ALA A 179 -11.51 4.04 6.88
N GLU A 180 -11.62 5.35 7.03
CA GLU A 180 -11.74 5.95 8.37
C GLU A 180 -13.06 5.57 9.02
N LEU A 181 -14.15 5.63 8.26
CA LEU A 181 -15.48 5.29 8.77
C LEU A 181 -15.55 3.83 9.19
N PHE A 182 -14.85 2.98 8.41
CA PHE A 182 -14.77 1.57 8.71
C PHE A 182 -14.10 1.35 10.07
N VAL A 183 -12.95 1.98 10.25
CA VAL A 183 -12.18 1.83 11.49
C VAL A 183 -12.91 2.46 12.68
N ASP A 184 -13.33 3.70 12.49
N ASP A 184 -13.33 3.71 12.50
CA ASP A 184 -14.02 4.43 13.56
CA ASP A 184 -14.02 4.42 13.56
C ASP A 184 -15.35 3.77 13.90
C ASP A 184 -15.35 3.77 13.91
N GLY A 185 -16.01 3.23 12.89
CA GLY A 185 -17.28 2.54 13.09
C GLY A 185 -17.08 1.24 13.84
N ALA A 186 -16.06 0.48 13.46
CA ALA A 186 -15.75 -0.77 14.14
C ALA A 186 -15.30 -0.49 15.57
N LYS A 187 -14.54 0.58 15.76
CA LYS A 187 -14.00 0.94 17.06
C LYS A 187 -15.12 1.34 18.03
N LYS A 188 -16.18 1.95 17.51
CA LYS A 188 -17.29 2.39 18.35
C LYS A 188 -18.27 1.27 18.62
N ILE A 189 -18.35 0.30 17.70
CA ILE A 189 -19.11 -0.91 17.96
C ILE A 189 -18.47 -1.67 19.11
N ALA A 190 -17.16 -1.87 19.01
CA ALA A 190 -16.40 -2.62 20.02
C ALA A 190 -16.44 -1.94 21.38
N LEU A 191 -16.43 -0.62 21.38
CA LEU A 191 -16.47 0.14 22.62
C LEU A 191 -17.85 0.05 23.25
N ALA A 192 -18.88 0.11 22.41
CA ALA A 192 -20.26 0.02 22.87
C ALA A 192 -20.58 -1.36 23.44
N LEU A 193 -19.93 -2.38 22.88
CA LEU A 193 -20.14 -3.76 23.33
C LEU A 193 -19.12 -4.14 24.41
N ASP A 194 -18.29 -3.19 24.80
CA ASP A 194 -17.28 -3.38 25.84
C ASP A 194 -16.34 -4.55 25.55
N ILE A 195 -16.09 -4.81 24.27
CA ILE A 195 -15.11 -5.80 23.88
C ILE A 195 -13.87 -5.11 23.35
N SER A 196 -13.74 -3.82 23.66
CA SER A 196 -12.65 -3.02 23.16
C SER A 196 -11.31 -3.40 23.79
N ASP A 197 -10.30 -3.56 22.95
N ASP A 197 -10.32 -3.63 22.94
CA ASP A 197 -8.98 -3.97 23.39
CA ASP A 197 -8.97 -3.98 23.36
C ASP A 197 -7.91 -3.29 22.54
C ASP A 197 -7.96 -3.21 22.52
N LYS A 198 -7.12 -2.43 23.15
CA LYS A 198 -6.12 -1.65 22.41
C LYS A 198 -5.01 -2.54 21.85
N VAL A 199 -4.86 -3.74 22.41
CA VAL A 199 -3.95 -4.71 21.85
C VAL A 199 -4.47 -5.19 20.49
N ILE A 200 -5.80 -5.19 20.33
CA ILE A 200 -6.40 -5.43 19.01
C ILE A 200 -6.92 -4.11 18.44
N GLY A 201 -6.75 -3.03 19.20
CA GLY A 201 -7.14 -1.72 18.73
C GLY A 201 -6.21 -1.24 17.64
N PHE A 202 -5.00 -1.79 17.62
CA PHE A 202 -4.00 -1.38 16.66
C PHE A 202 -4.02 -2.24 15.40
N THR A 203 -4.43 -3.50 15.54
CA THR A 203 -4.56 -4.37 14.37
C THR A 203 -5.75 -3.91 13.53
N LEU A 204 -6.67 -3.17 14.16
CA LEU A 204 -7.81 -2.60 13.47
C LEU A 204 -7.39 -1.35 12.69
N VAL A 205 -6.45 -0.60 13.26
CA VAL A 205 -5.94 0.61 12.60
C VAL A 205 -4.85 0.25 11.59
N ALA A 206 -4.00 -0.72 11.93
CA ALA A 206 -2.94 -1.15 11.03
C ALA A 206 -3.53 -1.70 9.74
N PHE A 207 -4.50 -2.60 9.88
CA PHE A 207 -5.22 -3.13 8.73
C PHE A 207 -6.02 -2.02 8.05
N GLY A 208 -6.48 -1.06 8.87
CA GLY A 208 -7.26 0.05 8.39
C GLY A 208 -6.51 0.91 7.39
N THR A 209 -5.22 1.12 7.63
CA THR A 209 -4.41 1.90 6.71
C THR A 209 -4.15 1.13 5.42
N SER A 210 -4.39 -0.18 5.43
CA SER A 210 -4.15 -1.02 4.26
C SER A 210 -5.43 -1.25 3.45
N LEU A 211 -6.56 -0.78 3.98
CA LEU A 211 -7.85 -0.94 3.30
C LEU A 211 -7.93 -0.25 1.94
N PRO A 212 -7.41 0.98 1.80
CA PRO A 212 -7.44 1.55 0.45
C PRO A 212 -6.69 0.70 -0.58
N GLU A 213 -5.48 0.27 -0.27
CA GLU A 213 -4.70 -0.58 -1.18
C GLU A 213 -5.45 -1.86 -1.53
N LEU A 214 -6.05 -2.48 -0.52
CA LEU A 214 -6.77 -3.73 -0.71
C LEU A 214 -7.93 -3.56 -1.67
N MET A 215 -8.76 -2.55 -1.43
CA MET A 215 -9.95 -2.35 -2.25
C MET A 215 -9.60 -1.86 -3.65
N VAL A 216 -8.59 -1.00 -3.73
CA VAL A 216 -8.15 -0.46 -5.02
C VAL A 216 -7.57 -1.57 -5.91
N SER A 217 -6.72 -2.41 -5.33
CA SER A 217 -6.09 -3.50 -6.08
C SER A 217 -7.11 -4.54 -6.50
N LEU A 218 -8.08 -4.84 -5.64
CA LEU A 218 -9.13 -5.78 -5.97
C LEU A 218 -9.97 -5.24 -7.13
N ALA A 219 -10.33 -3.97 -7.06
CA ALA A 219 -11.12 -3.34 -8.11
C ALA A 219 -10.38 -3.41 -9.44
N ALA A 220 -9.08 -3.10 -9.40
CA ALA A 220 -8.23 -3.16 -10.60
C ALA A 220 -8.09 -4.59 -11.11
N ALA A 221 -8.00 -5.54 -10.18
CA ALA A 221 -7.90 -6.95 -10.56
C ALA A 221 -9.17 -7.42 -11.24
N LYS A 222 -10.32 -6.94 -10.77
CA LYS A 222 -11.60 -7.27 -11.38
C LYS A 222 -11.72 -6.78 -12.81
N ARG A 223 -10.99 -5.71 -13.12
CA ARG A 223 -10.98 -5.16 -14.47
C ARG A 223 -9.75 -5.60 -15.26
N ASN A 224 -9.12 -6.68 -14.79
CA ASN A 224 -7.95 -7.26 -15.44
C ASN A 224 -6.79 -6.29 -15.63
N LEU A 225 -6.67 -5.33 -14.73
CA LEU A 225 -5.58 -4.36 -14.81
C LEU A 225 -4.41 -4.80 -13.94
N GLY A 226 -3.77 -5.89 -14.35
CA GLY A 226 -2.70 -6.50 -13.58
C GLY A 226 -1.50 -5.59 -13.36
N GLY A 227 -1.17 -4.79 -14.38
CA GLY A 227 -0.07 -3.84 -14.27
C GLY A 227 -0.32 -2.82 -13.18
N MET A 228 -1.56 -2.36 -13.08
CA MET A 228 -1.96 -1.38 -12.07
C MET A 228 -1.83 -1.97 -10.67
N VAL A 229 -2.34 -3.19 -10.51
CA VAL A 229 -2.22 -3.93 -9.26
C VAL A 229 -0.77 -4.03 -8.80
N LEU A 230 0.08 -4.50 -9.69
CA LEU A 230 1.49 -4.68 -9.39
C LEU A 230 2.14 -3.35 -9.07
N GLY A 231 1.78 -2.32 -9.84
CA GLY A 231 2.27 -0.98 -9.58
C GLY A 231 1.88 -0.49 -8.20
N ASN A 232 0.60 -0.66 -7.86
CA ASN A 232 0.09 -0.23 -6.57
C ASN A 232 0.80 -0.93 -5.41
N VAL A 233 1.00 -2.23 -5.53
CA VAL A 233 1.66 -3.01 -4.48
C VAL A 233 3.12 -2.60 -4.30
N ILE A 234 3.87 -2.57 -5.40
CA ILE A 234 5.27 -2.19 -5.37
C ILE A 234 5.45 -0.77 -4.88
N GLY A 235 4.66 0.15 -5.43
CA GLY A 235 4.74 1.55 -5.05
C GLY A 235 4.32 1.81 -3.61
N SER A 236 3.29 1.10 -3.13
CA SER A 236 2.84 1.30 -1.75
C SER A 236 3.89 0.86 -0.74
N ASN A 237 4.54 -0.26 -1.00
CA ASN A 237 5.61 -0.74 -0.13
C ASN A 237 6.75 0.27 -0.02
N ILE A 238 7.18 0.78 -1.17
CA ILE A 238 8.25 1.77 -1.18
C ILE A 238 7.79 3.04 -0.47
N ALA A 239 6.53 3.43 -0.68
CA ALA A 239 5.97 4.57 0.02
C ALA A 239 5.87 4.31 1.53
N ASP A 240 5.65 3.05 1.90
CA ASP A 240 5.58 2.69 3.32
C ASP A 240 6.95 2.78 3.99
N ILE A 241 8.00 2.47 3.23
CA ILE A 241 9.35 2.48 3.76
C ILE A 241 10.00 3.85 3.60
N GLY A 242 10.05 4.34 2.37
CA GLY A 242 10.68 5.61 2.06
C GLY A 242 9.86 6.81 2.49
N GLY A 243 8.59 6.58 2.77
CA GLY A 243 7.71 7.66 3.22
C GLY A 243 7.29 7.50 4.67
N ALA A 244 6.46 6.49 4.94
CA ALA A 244 5.89 6.32 6.27
C ALA A 244 6.96 6.02 7.32
N LEU A 245 7.75 4.98 7.09
CA LEU A 245 8.80 4.61 8.03
C LEU A 245 9.86 5.72 8.17
N ALA A 246 10.27 6.29 7.04
CA ALA A 246 11.28 7.35 7.03
C ALA A 246 10.87 8.55 7.87
N VAL A 247 9.66 9.06 7.65
CA VAL A 247 9.17 10.21 8.39
C VAL A 247 9.08 9.92 9.88
N GLY A 248 8.69 8.69 10.22
CA GLY A 248 8.65 8.27 11.60
C GLY A 248 10.01 8.37 12.27
N SER A 249 11.05 7.97 11.54
CA SER A 249 12.41 7.99 12.08
C SER A 249 12.91 9.43 12.31
N LEU A 250 12.31 10.38 11.62
CA LEU A 250 12.68 11.79 11.80
C LEU A 250 12.33 12.30 13.18
N PHE A 251 11.22 11.80 13.73
CA PHE A 251 10.76 12.23 15.05
C PHE A 251 11.42 11.45 16.17
N MET A 252 11.82 10.22 15.88
CA MET A 252 12.40 9.34 16.89
C MET A 252 13.01 8.10 16.26
N HIS A 253 14.11 7.63 16.85
CA HIS A 253 14.74 6.39 16.42
C HIS A 253 13.73 5.25 16.47
N LEU A 254 13.61 4.51 15.37
CA LEU A 254 12.69 3.40 15.30
C LEU A 254 13.40 2.11 15.68
N PRO A 255 12.81 1.35 16.61
CA PRO A 255 13.40 0.06 17.04
C PRO A 255 13.47 -0.93 15.88
N ALA A 256 14.52 -1.75 15.86
CA ALA A 256 14.69 -2.73 14.79
C ALA A 256 13.61 -3.81 14.83
N GLU A 257 13.09 -4.14 13.65
CA GLU A 257 12.15 -5.24 13.50
C GLU A 257 12.73 -6.25 12.52
N ASN A 258 13.78 -6.95 12.95
CA ASN A 258 14.54 -7.82 12.06
C ASN A 258 13.78 -9.04 11.58
N VAL A 259 12.89 -9.56 12.42
CA VAL A 259 12.08 -10.70 12.02
C VAL A 259 11.13 -10.31 10.90
N GLN A 260 10.42 -9.20 11.10
CA GLN A 260 9.46 -8.74 10.09
C GLN A 260 10.15 -8.32 8.80
N MET A 261 11.28 -7.64 8.92
CA MET A 261 12.06 -7.24 7.74
C MET A 261 12.51 -8.47 6.97
N ALA A 262 12.94 -9.51 7.68
CA ALA A 262 13.35 -10.75 7.03
C ALA A 262 12.17 -11.37 6.27
N VAL A 263 10.99 -11.33 6.87
CA VAL A 263 9.79 -11.83 6.23
C VAL A 263 9.48 -11.04 4.96
N LEU A 264 9.62 -9.72 5.04
CA LEU A 264 9.38 -8.85 3.89
C LEU A 264 10.39 -9.09 2.78
N VAL A 265 11.65 -9.26 3.14
CA VAL A 265 12.70 -9.52 2.17
C VAL A 265 12.42 -10.84 1.42
N ILE A 266 12.02 -11.86 2.16
CA ILE A 266 11.72 -13.16 1.58
C ILE A 266 10.52 -13.07 0.63
N MET A 267 9.47 -12.38 1.07
CA MET A 267 8.28 -12.19 0.24
C MET A 267 8.58 -11.35 -0.99
N SER A 268 9.44 -10.34 -0.82
CA SER A 268 9.85 -9.48 -1.93
C SER A 268 10.69 -10.25 -2.93
N LEU A 269 11.59 -11.10 -2.43
CA LEU A 269 12.41 -11.94 -3.29
C LEU A 269 11.55 -12.90 -4.10
N LEU A 270 10.60 -13.55 -3.43
CA LEU A 270 9.66 -14.45 -4.10
C LEU A 270 8.91 -13.72 -5.20
N LEU A 271 8.48 -12.49 -4.88
CA LEU A 271 7.77 -11.68 -5.85
C LEU A 271 8.62 -11.41 -7.07
N TYR A 272 9.90 -11.08 -6.85
CA TYR A 272 10.81 -10.84 -7.97
C TYR A 272 11.04 -12.10 -8.81
N LEU A 273 11.29 -13.22 -8.13
CA LEU A 273 11.56 -14.49 -8.82
C LEU A 273 10.37 -14.94 -9.66
N PHE A 274 9.17 -14.81 -9.11
CA PHE A 274 7.96 -15.15 -9.85
C PHE A 274 7.80 -14.24 -11.08
N ALA A 275 8.03 -12.94 -10.89
CA ALA A 275 7.91 -11.98 -11.97
C ALA A 275 8.93 -12.25 -13.08
N LYS A 276 10.14 -12.64 -12.69
CA LYS A 276 11.23 -12.82 -13.64
C LYS A 276 11.16 -14.14 -14.40
N TYR A 277 10.86 -15.23 -13.69
CA TYR A 277 11.04 -16.56 -14.27
C TYR A 277 9.74 -17.32 -14.49
N SER A 278 8.64 -16.81 -13.96
CA SER A 278 7.35 -17.46 -14.11
CA SER A 278 7.35 -17.45 -14.14
C SER A 278 6.25 -16.42 -14.32
N LYS A 279 5.21 -16.49 -13.49
CA LYS A 279 4.14 -15.52 -13.55
C LYS A 279 3.57 -15.27 -12.16
N ILE A 280 2.78 -14.23 -12.04
CA ILE A 280 2.09 -13.94 -10.80
C ILE A 280 0.62 -14.31 -10.98
N GLY A 281 0.33 -15.59 -10.77
CA GLY A 281 -1.00 -16.11 -11.04
C GLY A 281 -1.60 -16.81 -9.84
N ARG A 282 -2.47 -17.77 -10.13
CA ARG A 282 -3.26 -18.47 -9.12
C ARG A 282 -2.43 -19.06 -8.00
N TRP A 283 -1.47 -19.90 -8.36
CA TRP A 283 -0.71 -20.65 -7.35
C TRP A 283 0.34 -19.78 -6.66
N GLN A 284 0.87 -18.78 -7.36
CA GLN A 284 1.75 -17.82 -6.70
C GLN A 284 0.96 -16.99 -5.70
N GLY A 285 -0.28 -16.66 -6.07
CA GLY A 285 -1.17 -15.95 -5.18
C GLY A 285 -1.56 -16.77 -3.97
N ILE A 286 -1.76 -18.07 -4.20
CA ILE A 286 -2.10 -18.98 -3.11
C ILE A 286 -0.94 -19.06 -2.11
N LEU A 287 0.28 -19.13 -2.64
CA LEU A 287 1.46 -19.16 -1.78
C LEU A 287 1.57 -17.88 -0.96
N PHE A 288 1.34 -16.74 -1.60
CA PHE A 288 1.41 -15.45 -0.93
C PHE A 288 0.40 -15.38 0.23
N LEU A 289 -0.83 -15.80 -0.03
CA LEU A 289 -1.87 -15.81 1.00
C LEU A 289 -1.52 -16.76 2.15
N ALA A 290 -1.05 -17.96 1.82
CA ALA A 290 -0.62 -18.91 2.83
C ALA A 290 0.46 -18.33 3.72
N LEU A 291 1.44 -17.67 3.12
CA LEU A 291 2.52 -17.04 3.88
C LEU A 291 1.99 -15.93 4.78
N TYR A 292 1.04 -15.15 4.26
CA TYR A 292 0.43 -14.08 5.03
C TYR A 292 -0.32 -14.63 6.24
N ILE A 293 -1.04 -15.73 6.02
CA ILE A 293 -1.78 -16.38 7.10
C ILE A 293 -0.83 -16.90 8.17
N ILE A 294 0.28 -17.48 7.72
CA ILE A 294 1.32 -17.96 8.64
C ILE A 294 1.91 -16.79 9.42
N ALA A 295 2.09 -15.66 8.74
CA ALA A 295 2.68 -14.48 9.37
C ALA A 295 1.78 -13.92 10.48
N ILE A 296 0.50 -13.74 10.18
CA ILE A 296 -0.41 -13.16 11.16
C ILE A 296 -0.72 -14.13 12.30
N ALA A 297 -0.42 -15.41 12.08
CA ALA A 297 -0.63 -16.43 13.11
C ALA A 297 0.60 -16.60 14.01
N SER A 298 1.75 -16.10 13.57
CA SER A 298 2.99 -16.38 14.29
C SER A 298 3.73 -15.12 14.75
N LEU A 299 3.67 -14.05 13.95
CA LEU A 299 4.34 -12.80 14.30
C LEU A 299 3.74 -12.17 15.55
N ARG A 300 4.58 -11.51 16.34
CA ARG A 300 4.12 -10.97 17.62
C ARG A 300 3.18 -9.78 17.47
N MET A 301 2.14 -9.78 18.30
CA MET A 301 1.11 -8.74 18.25
C MET A 301 1.59 -7.47 18.95
CL CL B . -2.53 -3.40 -16.87
NA NA C . -0.26 3.02 -0.88
CA CA D . 20.25 2.01 11.33
CA CA E . -2.35 2.45 2.83
CA CA E . 0.44 0.98 2.72
C2 MYS F . -22.39 -3.63 1.88
C3 MYS F . -21.24 -2.71 1.46
C4 MYS F . -20.63 -3.19 0.14
C5 MYS F . -21.69 -3.18 -0.97
C6 MYS F . -21.07 -3.67 -2.28
C7 MYS F . -22.14 -3.65 -3.38
C2 MYS G . 3.46 20.79 12.21
C3 MYS G . 2.77 20.71 10.84
C4 MYS G . 1.78 19.54 10.84
C5 MYS G . 1.07 19.48 9.49
C6 MYS G . 0.07 18.31 9.47
C7 MYS G . 0.82 16.99 9.71
C2 MYS H . -1.53 -10.32 14.10
C3 MYS H . -0.09 -10.13 13.62
C4 MYS H . 0.18 -8.63 13.36
C5 MYS H . -0.78 -8.12 12.29
C2 MYS I . -0.53 -24.21 0.81
C3 MYS I . 0.50 -23.40 0.05
C4 MYS I . 0.52 -23.83 -1.43
C5 MYS I . 1.55 -23.01 -2.22
C6 MYS I . 1.54 -23.47 -3.68
C7 MYS I . 2.54 -22.68 -4.52
C8 MYS I . 2.45 -23.19 -5.96
C9 MYS I . 3.42 -22.45 -6.89
C10 MYS I . 4.86 -22.65 -6.44
C11 MYS I . 5.78 -21.90 -7.40
C2 MYS J . -2.12 13.30 -11.61
C3 MYS J . -1.98 13.87 -10.20
C4 MYS J . -3.35 13.93 -9.53
C5 MYS J . -3.20 14.51 -8.12
C2 MYS K . -1.46 12.13 -4.41
C3 MYS K . -0.30 12.86 -5.07
C4 MYS K . 0.40 11.93 -6.07
C5 MYS K . 1.59 12.66 -6.73
C6 MYS K . 2.30 11.73 -7.71
C7 MYS K . 3.47 12.46 -8.35
C8 MYS K . 4.22 11.54 -9.33
C9 MYS K . 3.28 11.08 -10.46
C10 MYS K . 2.78 12.29 -11.25
C11 MYS K . 1.85 11.81 -12.37
C12 MYS K . 2.60 10.87 -13.33
C13 MYS K . 3.78 11.61 -13.96
C2 MYS L . 8.50 -17.86 4.73
C3 MYS L . 8.34 -16.34 4.69
C4 MYS L . 7.84 -15.87 6.06
C5 MYS L . 6.49 -16.51 6.37
C6 MYS L . 6.02 -16.04 7.74
C7 MYS L . 7.05 -16.46 8.80
C8 MYS L . 6.59 -15.99 10.19
C9 MYS L . 7.62 -16.41 11.24
C2 MYS M . 7.75 -22.05 -1.75
C3 MYS M . 8.49 -20.77 -1.35
C4 MYS M . 8.89 -20.83 0.12
C5 MYS M . 9.63 -19.55 0.51
C6 MYS M . 10.02 -19.61 1.99
C2 MYS N . 18.08 -11.78 -7.07
C3 MYS N . 18.77 -10.43 -6.93
C4 MYS N . 19.63 -10.43 -5.66
C5 MYS N . 20.33 -9.07 -5.52
C6 MYS N . 21.19 -9.06 -4.26
C7 MYS N . 21.89 -7.70 -4.14
C8 MYS N . 22.75 -7.65 -2.87
C9 MYS N . 23.42 -6.29 -2.77
C2 MYS O . 16.20 3.45 -6.23
C3 MYS O . 16.98 2.86 -5.04
C4 MYS O . 17.32 1.40 -5.33
C5 MYS O . 18.09 0.81 -4.14
C6 MYS O . 19.38 1.60 -3.93
C7 MYS O . 20.16 1.03 -2.74
C8 MYS O . 21.46 1.83 -2.54
C2 MYS P . -1.70 6.46 21.23
C3 MYS P . -0.32 6.37 20.58
C4 MYS P . -0.39 6.88 19.14
C5 MYS P . -1.39 6.04 18.34
C2 MYS Q . -5.56 9.46 15.93
C3 MYS Q . -6.61 9.07 14.89
C4 MYS Q . -6.85 10.25 13.95
C5 MYS Q . -7.90 9.86 12.90
OH2 1PE R . -16.74 -9.25 -6.13
C12 1PE R . -17.02 -9.32 -4.74
C22 1PE R . -15.78 -8.97 -3.92
OH3 1PE R . -15.35 -7.65 -4.25
C13 1PE R . -13.54 -6.08 -3.90
C23 1PE R . -14.44 -7.15 -3.28
OH4 1PE R . -14.33 -5.00 -4.40
C14 1PE R . -14.26 -2.85 -5.48
C24 1PE R . -13.46 -3.92 -4.76
OH5 1PE R . -14.83 -3.41 -6.66
C15 1PE R . -16.20 -3.04 -8.61
C25 1PE R . -15.77 -2.51 -7.25
OH6 1PE R . -16.79 -4.34 -8.45
C16 1PE R . -17.42 -6.26 -9.79
C26 1PE R . -17.40 -4.73 -9.68
OH7 1PE R . -18.15 -6.83 -8.70
OH3 1PE S . 23.64 6.14 8.50
C13 1PE S . 22.86 5.42 6.33
C23 1PE S . 23.72 5.08 7.54
OH4 1PE S . 22.93 4.39 5.35
C24 1PE S . 24.26 4.27 4.83
O1 PE8 T . 23.15 -4.01 16.74
C2 PE8 T . 21.98 -4.71 17.17
C3 PE8 T . 21.74 -5.90 16.23
O4 PE8 T . 20.56 -6.61 16.63
C5 PE8 T . 20.18 -7.46 15.55
C6 PE8 T . 20.72 -8.88 15.73
O7 PE8 T . 20.33 -9.69 14.61
C8 PE8 T . 21.08 -9.22 13.48
C9 PE8 T . 20.85 -10.06 12.22
O10 PE8 T . 19.48 -10.07 11.81
C11 PE8 T . 19.44 -10.74 10.55
C12 PE8 T . 19.19 -9.77 9.39
O13 PE8 T . 17.91 -9.13 9.57
C14 PE8 T . 17.62 -8.01 8.70
C15 PE8 T . 17.28 -8.39 7.24
O16 PE8 T . 18.34 -9.06 6.55
C17 PE8 T . 18.73 -8.18 5.47
C18 PE8 T . 19.91 -8.75 4.67
O19 PE8 T . 19.59 -10.01 4.06
C20 PE8 T . 19.22 -9.81 2.70
C21 PE8 T . 19.32 -11.14 1.93
O22 PE8 T . 18.97 -10.93 0.55
C23 PE8 T . 19.24 -12.10 -0.22
C24 PE8 T . 18.99 -11.80 -1.71
O25 PE8 T . 19.26 -12.96 -2.49
OH2 1PE U . 10.93 16.12 4.21
C12 1PE U . 11.70 16.00 5.41
C22 1PE U . 12.74 17.11 5.46
OH3 1PE U . 13.53 17.00 6.66
C13 1PE U . 15.25 15.71 7.80
C23 1PE U . 14.23 15.74 6.65
OH4 1PE U . 14.60 15.85 9.07
C14 1PE U . 14.97 15.74 11.46
C24 1PE U . 15.60 15.74 10.08
OH5 1PE U . 15.98 15.64 12.46
C15 1PE U . 16.36 16.07 14.84
C25 1PE U . 15.35 15.70 13.74
OH6 1PE U . 17.40 15.10 14.93
C16 1PE U . 19.41 14.48 16.14
C26 1PE U . 18.30 15.52 15.95
OH7 1PE U . 20.30 14.92 17.16
C1 PEG V . 11.78 16.04 14.59
O1 PEG V . 12.78 16.43 15.53
C2 PEG V . 11.79 17.00 13.40
O2 PEG V . 10.79 16.60 12.46
C3 PEG V . 10.84 17.44 11.30
C4 PEG V . 9.86 16.90 10.26
O4 PEG V . 9.91 17.73 9.09
C10 OLC W . 22.58 -1.89 -3.90
C9 OLC W . 23.07 -2.49 -2.58
C8 OLC W . 21.96 -3.01 -1.66
C24 OLC W . 24.90 -1.21 10.65
C7 OLC W . 22.54 -3.38 -0.29
C6 OLC W . 23.20 -2.15 0.35
C5 OLC W . 23.72 -2.53 1.74
C4 OLC W . 24.37 -1.30 2.41
C3 OLC W . 24.83 -1.73 3.80
C2 OLC W . 25.49 -0.58 4.56
C21 OLC W . 25.53 -1.10 8.24
C1 OLC W . 25.85 -1.12 5.96
C22 OLC W . 24.58 -0.57 9.31
O19 OLC W . 26.65 -2.04 6.09
O25 OLC W . 24.76 -2.63 10.54
O23 OLC W . 24.70 0.86 9.42
O20 OLC W . 25.21 -0.50 6.98
#